data_7GA2
#
_entry.id   7GA2
#
_cell.length_a   53.985
_cell.length_b   70.044
_cell.length_c   57.789
_cell.angle_alpha   90.000
_cell.angle_beta   92.360
_cell.angle_gamma   90.000
#
_symmetry.space_group_name_H-M   'P 1 21 1'
#
loop_
_entity.id
_entity.type
_entity.pdbx_description
1 polymer 'Serine protease NS3'
2 non-polymer 1,2-ETHANEDIOL
3 non-polymer 'PHOSPHATE ION'
4 non-polymer 'methyl 1-(methanesulfonyl)-2-methyl-D-prolinate'
5 water water
#
_entity_poly.entity_id   1
_entity_poly.type   'polypeptide(L)'
_entity_poly.pdbx_seq_one_letter_code
;MLKKKQLTVLDLHPGAGKTRRVLPEIVREAIKKRLRTVILAPTRVVAAEMEEALRGLPVRYMTTAVNVTHSGTEIVDLMC
HATFTSRLLQPIRVPNYNLNIMDEAHFTDPSSIAARGYISTRVEMGEAAAIFMTATPPGTRDAFPDSNSPIMDTEVEVPE
RAWSSGFDWVTDHSGKTVWFVPSVRNGNEIAACLTKAGKRVIQLSRKTFETEFQKTKNQEWDFVITTDISEMGANFKADR
VIDSRRCLKPVILDGERVILAGPMPVTHASAAQRRGRIGRNPNKPGDEYMYGGGCAETDEGHAHWLEARMLLDNIYLQDG
LIASLYRPEADKVAAIEGEFKLRTEQRKTFVELMKRGDLPVWLAYQVASAGITYTDRRWCFDGTTNNTIMEDSVPAEVWT
KYGEKRVLKPRWMDARVCSDHAALKSFKEFAAGKR
;
_entity_poly.pdbx_strand_id   A
#
loop_
_chem_comp.id
_chem_comp.type
_chem_comp.name
_chem_comp.formula
EDO non-polymer 1,2-ETHANEDIOL 'C2 H6 O2'
PO4 non-polymer 'PHOSPHATE ION' 'O4 P -3'
YEK non-polymer 'methyl 1-(methanesulfonyl)-2-methyl-D-prolinate' 'C8 H15 N O4 S'
#
# COMPACT_ATOMS: atom_id res chain seq x y z
N MET A 1 -0.79 27.00 8.48
CA MET A 1 -1.48 25.85 7.90
C MET A 1 -2.62 25.33 8.80
N LEU A 2 -2.42 25.46 10.13
CA LEU A 2 -3.26 24.90 11.18
C LEU A 2 -4.70 25.45 11.26
N LYS A 3 -5.02 26.53 10.51
CA LYS A 3 -6.38 27.09 10.47
C LYS A 3 -7.35 26.15 9.77
N LYS A 4 -8.60 26.08 10.22
CA LYS A 4 -9.66 25.25 9.59
C LYS A 4 -9.80 25.54 8.07
N LYS A 5 -10.67 24.79 7.38
CA LYS A 5 -10.93 24.92 5.94
C LYS A 5 -9.66 25.00 5.07
N GLN A 6 -8.51 24.42 5.51
CA GLN A 6 -7.31 24.44 4.68
C GLN A 6 -6.55 23.10 4.64
N LEU A 7 -6.31 22.61 3.42
CA LEU A 7 -5.53 21.41 3.17
C LEU A 7 -4.23 21.85 2.51
N THR A 8 -3.09 21.59 3.16
CA THR A 8 -1.78 21.94 2.65
C THR A 8 -1.08 20.71 2.10
N VAL A 9 -0.50 20.82 0.90
CA VAL A 9 0.28 19.73 0.34
C VAL A 9 1.74 20.09 0.57
N LEU A 10 2.37 19.41 1.51
CA LEU A 10 3.76 19.65 1.87
C LEU A 10 4.58 18.73 0.95
N ASP A 11 5.10 19.31 -0.15
CA ASP A 11 5.74 18.54 -1.20
C ASP A 11 7.25 18.78 -1.36
N LEU A 12 8.00 18.70 -0.26
CA LEU A 12 9.46 18.83 -0.33
C LEU A 12 10.04 17.58 -1.06
N HIS A 13 11.23 17.70 -1.68
CA HIS A 13 11.82 16.57 -2.40
C HIS A 13 12.14 15.38 -1.48
N PRO A 14 12.30 14.15 -2.01
CA PRO A 14 12.60 13.01 -1.11
C PRO A 14 13.90 13.19 -0.33
N GLY A 15 13.81 13.03 0.97
CA GLY A 15 14.98 13.16 1.84
C GLY A 15 15.18 14.54 2.42
N ALA A 16 14.22 15.47 2.18
CA ALA A 16 14.33 16.84 2.68
C ALA A 16 14.12 16.97 4.19
N GLY A 17 13.60 15.93 4.84
CA GLY A 17 13.39 15.96 6.28
C GLY A 17 11.96 16.29 6.68
N LYS A 18 10.98 15.85 5.88
CA LYS A 18 9.58 16.10 6.20
C LYS A 18 9.18 15.36 7.47
N THR A 19 9.71 14.15 7.70
CA THR A 19 9.35 13.35 8.88
C THR A 19 10.16 13.69 10.15
N ARG A 20 11.50 13.77 10.05
CA ARG A 20 12.33 14.00 11.23
C ARG A 20 12.45 15.46 11.66
N ARG A 21 12.11 16.42 10.80
CA ARG A 21 12.25 17.84 11.14
C ARG A 21 10.94 18.63 11.07
N VAL A 22 10.22 18.50 9.97
CA VAL A 22 8.97 19.24 9.78
C VAL A 22 7.83 18.69 10.68
N LEU A 23 7.59 17.39 10.71
CA LEU A 23 6.52 16.79 11.53
C LEU A 23 6.60 17.12 13.05
N PRO A 24 7.76 17.11 13.77
CA PRO A 24 7.74 17.46 15.20
C PRO A 24 7.36 18.93 15.42
N GLU A 25 7.78 19.82 14.50
CA GLU A 25 7.43 21.23 14.53
C GLU A 25 5.91 21.41 14.44
N ILE A 26 5.26 20.73 13.47
CA ILE A 26 3.79 20.79 13.29
C ILE A 26 3.08 20.32 14.57
N VAL A 27 3.56 19.21 15.15
CA VAL A 27 3.04 18.59 16.37
C VAL A 27 3.18 19.50 17.59
N ARG A 28 4.30 20.24 17.72
CA ARG A 28 4.50 21.17 18.83
C ARG A 28 3.46 22.28 18.75
N GLU A 29 3.29 22.85 17.55
CA GLU A 29 2.30 23.90 17.33
C GLU A 29 0.86 23.41 17.55
N ALA A 30 0.53 22.19 17.14
CA ALA A 30 -0.81 21.65 17.30
C ALA A 30 -1.13 21.42 18.79
N ILE A 31 -0.13 20.96 19.56
CA ILE A 31 -0.26 20.76 21.00
C ILE A 31 -0.44 22.14 21.69
N LYS A 32 0.30 23.19 21.25
CA LYS A 32 0.19 24.56 21.77
C LYS A 32 -1.21 25.17 21.55
N LYS A 33 -1.84 24.85 20.41
CA LYS A 33 -3.18 25.35 20.09
C LYS A 33 -4.31 24.45 20.52
N ARG A 34 -4.00 23.33 21.21
CA ARG A 34 -4.97 22.32 21.66
C ARG A 34 -5.79 21.76 20.53
N LEU A 35 -5.11 21.41 19.44
CA LEU A 35 -5.78 20.84 18.28
C LEU A 35 -5.78 19.33 18.46
N ARG A 36 -6.96 18.69 18.35
CA ARG A 36 -7.05 17.25 18.42
C ARG A 36 -6.43 16.74 17.11
N THR A 37 -5.33 15.97 17.21
CA THR A 37 -4.57 15.60 16.02
C THR A 37 -4.39 14.09 15.80
N VAL A 38 -4.44 13.69 14.53
CA VAL A 38 -4.19 12.32 14.11
C VAL A 38 -3.01 12.40 13.15
N ILE A 39 -2.06 11.48 13.31
CA ILE A 39 -0.91 11.33 12.44
C ILE A 39 -1.06 9.95 11.80
N LEU A 40 -1.14 9.90 10.48
CA LEU A 40 -1.33 8.65 9.77
C LEU A 40 -0.03 8.19 9.10
N ALA A 41 0.47 7.01 9.50
CA ALA A 41 1.69 6.36 8.99
C ALA A 41 1.31 5.35 7.91
N PRO A 42 2.05 5.24 6.79
CA PRO A 42 1.68 4.24 5.76
C PRO A 42 1.78 2.79 6.27
N THR A 43 2.87 2.45 6.96
CA THR A 43 3.15 1.10 7.46
C THR A 43 3.61 1.13 8.96
N ARG A 44 3.76 -0.06 9.56
CA ARG A 44 4.20 -0.15 10.94
CA ARG A 44 4.20 -0.16 10.95
C ARG A 44 5.69 0.21 11.10
N VAL A 45 6.49 0.06 10.03
CA VAL A 45 7.91 0.41 10.08
C VAL A 45 8.07 1.92 10.12
N VAL A 46 7.17 2.67 9.43
CA VAL A 46 7.21 4.13 9.45
C VAL A 46 6.73 4.65 10.82
N ALA A 47 5.72 4.00 11.42
CA ALA A 47 5.20 4.33 12.75
C ALA A 47 6.31 4.29 13.82
N ALA A 48 7.19 3.27 13.76
CA ALA A 48 8.34 3.13 14.67
C ALA A 48 9.37 4.21 14.41
N GLU A 49 9.60 4.57 13.14
CA GLU A 49 10.52 5.66 12.80
C GLU A 49 10.00 6.99 13.34
N MET A 50 8.66 7.18 13.32
CA MET A 50 7.98 8.36 13.84
C MET A 50 8.12 8.49 15.36
N GLU A 51 8.07 7.37 16.12
CA GLU A 51 8.25 7.44 17.57
C GLU A 51 9.66 7.96 17.91
N GLU A 52 10.68 7.58 17.10
CA GLU A 52 12.03 8.09 17.33
C GLU A 52 12.09 9.62 17.09
N ALA A 53 11.40 10.10 16.05
CA ALA A 53 11.38 11.52 15.69
C ALA A 53 10.60 12.36 16.70
N LEU A 54 9.52 11.80 17.25
CA LEU A 54 8.63 12.50 18.17
C LEU A 54 8.86 12.12 19.64
N ARG A 55 10.01 11.53 19.97
CA ARG A 55 10.28 11.12 21.36
C ARG A 55 10.31 12.33 22.28
N GLY A 56 9.62 12.22 23.42
CA GLY A 56 9.51 13.33 24.35
C GLY A 56 8.25 14.15 24.19
N LEU A 57 7.59 14.04 23.04
CA LEU A 57 6.32 14.73 22.77
C LEU A 57 5.19 13.79 23.16
N PRO A 58 4.13 14.32 23.78
CA PRO A 58 3.00 13.44 24.16
C PRO A 58 2.14 12.95 22.99
N VAL A 59 2.46 11.76 22.49
CA VAL A 59 1.73 11.12 21.41
C VAL A 59 1.23 9.74 21.86
N ARG A 60 -0.05 9.44 21.57
CA ARG A 60 -0.70 8.17 21.86
C ARG A 60 -0.53 7.32 20.61
N TYR A 61 0.25 6.26 20.71
CA TYR A 61 0.56 5.38 19.59
C TYR A 61 -0.46 4.24 19.53
N MET A 62 -1.38 4.30 18.56
CA MET A 62 -2.42 3.30 18.38
C MET A 62 -1.97 2.21 17.41
N THR A 63 -0.79 1.62 17.72
CA THR A 63 -0.14 0.55 16.99
C THR A 63 0.71 -0.31 17.95
N THR A 64 0.72 -1.66 17.77
CA THR A 64 1.57 -2.51 18.63
C THR A 64 3.01 -2.61 18.13
N ALA A 65 3.40 -1.80 17.13
CA ALA A 65 4.78 -1.73 16.64
C ALA A 65 5.68 -0.92 17.61
N VAL A 66 5.06 -0.15 18.52
CA VAL A 66 5.68 0.71 19.51
C VAL A 66 5.27 0.24 20.93
N ASN A 67 6.25 0.14 21.85
CA ASN A 67 6.00 -0.31 23.22
C ASN A 67 6.09 0.87 24.20
N VAL A 68 5.08 1.76 24.18
CA VAL A 68 5.10 2.91 25.08
C VAL A 68 3.94 2.90 26.09
N THR A 69 4.25 3.39 27.30
CA THR A 69 3.30 3.53 28.38
C THR A 69 2.62 4.92 28.23
N HIS A 70 1.38 4.95 27.71
CA HIS A 70 0.67 6.21 27.52
C HIS A 70 0.08 6.79 28.82
N SER A 71 0.30 8.10 29.05
CA SER A 71 -0.16 8.83 30.23
C SER A 71 -1.68 9.07 30.31
N GLY A 72 -2.38 8.91 29.18
CA GLY A 72 -3.81 9.15 29.13
C GLY A 72 -4.21 10.61 28.99
N THR A 73 -3.23 11.50 28.78
CA THR A 73 -3.48 12.92 28.62
C THR A 73 -2.93 13.47 27.29
N GLU A 74 -2.86 12.63 26.26
CA GLU A 74 -2.36 13.05 24.95
C GLU A 74 -3.53 13.49 24.06
N ILE A 75 -3.35 14.55 23.29
CA ILE A 75 -4.37 14.96 22.31
C ILE A 75 -3.88 14.73 20.86
N VAL A 76 -2.80 13.93 20.67
CA VAL A 76 -2.24 13.53 19.38
C VAL A 76 -2.20 12.00 19.28
N ASP A 77 -2.91 11.44 18.32
CA ASP A 77 -2.97 10.02 18.09
C ASP A 77 -2.15 9.67 16.87
N LEU A 78 -1.49 8.52 16.87
CA LEU A 78 -0.70 8.07 15.72
C LEU A 78 -1.17 6.70 15.38
N MET A 79 -1.59 6.48 14.15
CA MET A 79 -2.03 5.16 13.71
C MET A 79 -1.71 4.96 12.22
N CYS A 80 -1.80 3.73 11.71
CA CYS A 80 -1.55 3.47 10.28
C CYS A 80 -2.71 3.96 9.41
N HIS A 81 -2.50 4.19 8.09
CA HIS A 81 -3.60 4.62 7.19
C HIS A 81 -4.80 3.63 7.23
N ALA A 82 -4.49 2.30 7.18
CA ALA A 82 -5.48 1.20 7.20
C ALA A 82 -6.28 1.16 8.50
N THR A 83 -5.60 1.43 9.64
CA THR A 83 -6.23 1.44 10.96
C THR A 83 -7.29 2.53 11.05
N PHE A 84 -6.99 3.72 10.50
CA PHE A 84 -7.90 4.84 10.49
C PHE A 84 -9.19 4.47 9.73
N THR A 85 -9.04 3.98 8.48
CA THR A 85 -10.14 3.58 7.60
C THR A 85 -10.97 2.46 8.19
N SER A 86 -10.28 1.49 8.82
CA SER A 86 -10.91 0.36 9.48
C SER A 86 -11.84 0.82 10.62
N ARG A 87 -11.30 1.66 11.53
CA ARG A 87 -12.10 2.17 12.64
C ARG A 87 -13.28 3.06 12.17
N LEU A 88 -13.12 3.82 11.03
CA LEU A 88 -14.22 4.61 10.48
C LEU A 88 -15.35 3.67 10.04
N LEU A 89 -15.01 2.52 9.44
CA LEU A 89 -15.96 1.48 8.99
C LEU A 89 -16.65 0.72 10.14
N GLN A 90 -15.91 0.35 11.18
CA GLN A 90 -16.42 -0.37 12.35
C GLN A 90 -17.30 0.54 13.25
N PRO A 91 -18.19 -0.04 14.10
CA PRO A 91 -19.04 0.82 14.95
C PRO A 91 -18.30 1.66 16.00
N ILE A 92 -16.99 1.44 16.18
CA ILE A 92 -16.18 2.25 17.10
C ILE A 92 -16.24 3.75 16.72
N ARG A 93 -16.49 4.62 17.69
CA ARG A 93 -16.56 6.07 17.53
C ARG A 93 -15.14 6.64 17.35
N VAL A 94 -14.94 7.43 16.29
CA VAL A 94 -13.63 8.03 15.97
C VAL A 94 -13.74 9.52 16.22
N PRO A 95 -12.78 10.13 16.94
CA PRO A 95 -12.88 11.58 17.19
C PRO A 95 -12.89 12.40 15.91
N ASN A 96 -13.50 13.59 15.97
CA ASN A 96 -13.52 14.47 14.81
C ASN A 96 -12.29 15.37 14.87
N TYR A 97 -11.12 14.81 14.51
CA TYR A 97 -9.83 15.49 14.56
C TYR A 97 -9.84 16.86 13.91
N ASN A 98 -9.27 17.83 14.62
CA ASN A 98 -9.15 19.22 14.14
C ASN A 98 -8.03 19.38 13.10
N LEU A 99 -7.01 18.56 13.23
CA LEU A 99 -5.87 18.54 12.34
C LEU A 99 -5.58 17.08 11.95
N ASN A 100 -5.51 16.80 10.63
CA ASN A 100 -5.24 15.46 10.11
C ASN A 100 -3.92 15.48 9.32
N ILE A 101 -2.88 14.81 9.83
CA ILE A 101 -1.60 14.78 9.14
C ILE A 101 -1.39 13.42 8.48
N MET A 102 -1.29 13.36 7.14
CA MET A 102 -1.01 12.10 6.46
C MET A 102 0.42 12.05 5.93
N ASP A 103 1.28 11.17 6.51
CA ASP A 103 2.62 11.02 5.97
C ASP A 103 2.55 10.00 4.82
N GLU A 104 3.46 10.16 3.81
CA GLU A 104 3.56 9.34 2.59
C GLU A 104 2.20 9.28 1.92
N ALA A 105 1.56 10.47 1.80
CA ALA A 105 0.20 10.65 1.30
C ALA A 105 -0.01 10.30 -0.18
N HIS A 106 0.97 9.65 -0.81
CA HIS A 106 0.84 9.21 -2.20
C HIS A 106 0.43 7.72 -2.32
N PHE A 107 0.42 6.98 -1.21
CA PHE A 107 0.09 5.57 -1.14
C PHE A 107 -1.25 5.26 -1.91
N THR A 108 -1.19 4.29 -2.84
CA THR A 108 -2.33 3.99 -3.69
C THR A 108 -3.17 2.76 -3.26
N ASP A 109 -2.95 2.24 -2.02
CA ASP A 109 -3.79 1.13 -1.55
C ASP A 109 -5.21 1.66 -1.26
N PRO A 110 -6.27 0.87 -1.49
CA PRO A 110 -7.64 1.37 -1.28
C PRO A 110 -7.93 2.11 0.03
N SER A 111 -7.39 1.63 1.16
CA SER A 111 -7.60 2.27 2.45
C SER A 111 -6.96 3.67 2.54
N SER A 112 -5.85 3.91 1.81
CA SER A 112 -5.19 5.23 1.78
C SER A 112 -6.00 6.23 0.95
N ILE A 113 -6.46 5.80 -0.23
CA ILE A 113 -7.29 6.62 -1.09
C ILE A 113 -8.58 7.04 -0.35
N ALA A 114 -9.22 6.08 0.36
CA ALA A 114 -10.44 6.34 1.12
C ALA A 114 -10.19 7.33 2.26
N ALA A 115 -9.06 7.19 2.99
CA ALA A 115 -8.71 8.11 4.08
C ALA A 115 -8.53 9.55 3.56
N ARG A 116 -7.90 9.72 2.37
CA ARG A 116 -7.72 11.04 1.77
C ARG A 116 -9.05 11.68 1.35
N GLY A 117 -9.96 10.85 0.83
CA GLY A 117 -11.27 11.32 0.42
C GLY A 117 -12.10 11.81 1.60
N TYR A 118 -12.08 11.04 2.68
CA TYR A 118 -12.77 11.39 3.91
C TYR A 118 -12.22 12.69 4.52
N ILE A 119 -10.88 12.77 4.75
CA ILE A 119 -10.24 13.95 5.31
C ILE A 119 -10.46 15.20 4.45
N SER A 120 -10.20 15.12 3.13
CA SER A 120 -10.39 16.28 2.26
C SER A 120 -11.86 16.73 2.17
N THR A 121 -12.84 15.82 2.37
CA THR A 121 -14.25 16.24 2.36
C THR A 121 -14.54 17.04 3.64
N ARG A 122 -13.98 16.60 4.80
CA ARG A 122 -14.16 17.30 6.06
C ARG A 122 -13.61 18.72 5.99
N VAL A 123 -12.49 18.92 5.26
CA VAL A 123 -11.83 20.22 5.07
C VAL A 123 -12.69 21.11 4.14
N GLU A 124 -13.19 20.56 3.02
CA GLU A 124 -14.06 21.23 2.08
C GLU A 124 -15.34 21.73 2.78
N MET A 125 -15.85 20.95 3.76
CA MET A 125 -17.01 21.31 4.58
C MET A 125 -16.71 22.38 5.66
N GLY A 126 -15.44 22.75 5.82
CA GLY A 126 -14.99 23.74 6.80
C GLY A 126 -14.83 23.22 8.22
N GLU A 127 -14.86 21.89 8.40
CA GLU A 127 -14.78 21.29 9.73
C GLU A 127 -13.38 21.02 10.26
N ALA A 128 -12.37 20.91 9.38
CA ALA A 128 -11.04 20.52 9.83
C ALA A 128 -9.88 21.08 8.98
N ALA A 129 -8.64 21.00 9.46
CA ALA A 129 -7.44 21.31 8.68
C ALA A 129 -6.78 19.94 8.27
N ALA A 130 -5.90 19.94 7.27
CA ALA A 130 -5.22 18.71 6.83
C ALA A 130 -3.87 19.00 6.18
N ILE A 131 -2.88 18.16 6.45
CA ILE A 131 -1.57 18.30 5.83
C ILE A 131 -1.26 16.94 5.16
N PHE A 132 -0.97 16.95 3.85
CA PHE A 132 -0.64 15.74 3.12
C PHE A 132 0.85 15.83 2.82
N MET A 133 1.63 14.94 3.41
CA MET A 133 3.08 14.93 3.23
C MET A 133 3.52 13.88 2.23
N THR A 134 4.01 14.36 1.07
CA THR A 134 4.58 13.55 0.00
C THR A 134 5.37 14.40 -1.00
N ALA A 135 6.48 13.87 -1.49
CA ALA A 135 7.26 14.50 -2.54
C ALA A 135 6.51 14.39 -3.89
N THR A 136 5.64 13.38 -4.06
CA THR A 136 4.93 13.11 -5.31
C THR A 136 3.41 13.09 -5.16
N PRO A 137 2.80 14.28 -5.04
CA PRO A 137 1.33 14.34 -4.91
C PRO A 137 0.58 13.83 -6.16
N PRO A 138 -0.74 13.53 -6.05
CA PRO A 138 -1.47 13.02 -7.22
C PRO A 138 -1.36 13.90 -8.46
N GLY A 139 -0.98 13.29 -9.58
CA GLY A 139 -0.87 14.02 -10.84
C GLY A 139 0.53 14.38 -11.28
N THR A 140 1.53 14.20 -10.41
CA THR A 140 2.91 14.56 -10.73
C THR A 140 3.41 13.84 -12.00
N ARG A 141 4.08 14.61 -12.84
CA ARG A 141 4.63 14.13 -14.10
C ARG A 141 6.16 14.19 -14.12
N ASP A 142 6.82 14.37 -12.98
CA ASP A 142 8.28 14.45 -12.93
C ASP A 142 8.83 13.24 -12.19
N ALA A 143 9.39 12.30 -12.95
CA ALA A 143 10.03 11.12 -12.40
C ALA A 143 11.45 11.40 -11.92
N PHE A 144 12.04 12.57 -12.22
CA PHE A 144 13.39 12.91 -11.75
C PHE A 144 13.44 14.15 -10.82
N PRO A 145 12.84 14.11 -9.61
CA PRO A 145 12.89 15.28 -8.73
C PRO A 145 14.26 15.56 -8.10
N ASP A 146 14.36 16.63 -7.32
CA ASP A 146 15.61 17.00 -6.66
C ASP A 146 16.00 15.98 -5.59
N SER A 147 17.29 15.96 -5.21
CA SER A 147 17.78 15.06 -4.17
C SER A 147 18.85 15.71 -3.29
N ASN A 148 19.24 15.07 -2.18
CA ASN A 148 20.28 15.59 -1.29
C ASN A 148 21.66 15.62 -1.95
N SER A 149 21.96 14.65 -2.79
CA SER A 149 23.20 14.62 -3.56
C SER A 149 22.90 14.18 -5.01
N PRO A 150 23.78 14.52 -5.98
CA PRO A 150 23.50 14.14 -7.37
C PRO A 150 23.41 12.63 -7.64
N ILE A 151 22.50 12.25 -8.53
CA ILE A 151 22.27 10.85 -8.90
C ILE A 151 22.69 10.62 -10.36
N MET A 152 23.32 9.48 -10.68
CA MET A 152 23.64 9.14 -12.08
C MET A 152 22.41 8.39 -12.61
N ASP A 153 21.63 8.98 -13.52
CA ASP A 153 20.45 8.32 -14.08
C ASP A 153 20.82 7.59 -15.39
N THR A 154 20.44 6.32 -15.56
CA THR A 154 20.78 5.59 -16.78
C THR A 154 19.68 4.72 -17.33
N GLU A 155 19.21 5.03 -18.54
CA GLU A 155 18.19 4.20 -19.19
C GLU A 155 18.94 3.02 -19.72
N VAL A 156 18.60 1.81 -19.26
CA VAL A 156 19.25 0.57 -19.67
C VAL A 156 18.26 -0.64 -19.66
N GLU A 157 18.55 -1.73 -20.43
CA GLU A 157 17.74 -2.95 -20.41
C GLU A 157 17.96 -3.68 -19.05
N VAL A 158 16.85 -3.89 -18.32
CA VAL A 158 16.86 -4.54 -17.01
C VAL A 158 16.26 -5.93 -17.09
N PRO A 159 17.01 -6.95 -16.62
CA PRO A 159 16.48 -8.31 -16.69
C PRO A 159 15.24 -8.52 -15.82
N GLU A 160 14.25 -9.21 -16.38
CA GLU A 160 13.00 -9.55 -15.70
C GLU A 160 12.83 -11.07 -15.50
N ARG A 161 13.84 -11.88 -15.87
CA ARG A 161 13.92 -13.33 -15.72
C ARG A 161 15.40 -13.66 -15.34
N ALA A 162 15.71 -14.93 -15.01
CA ALA A 162 17.10 -15.30 -14.73
C ALA A 162 17.93 -15.20 -16.02
N TRP A 163 19.22 -14.89 -15.90
CA TRP A 163 20.06 -14.70 -17.08
C TRP A 163 21.39 -15.41 -16.96
N SER A 164 22.01 -15.69 -18.10
CA SER A 164 23.33 -16.32 -18.18
C SER A 164 24.40 -15.32 -18.61
N SER A 165 24.03 -14.33 -19.44
CA SER A 165 24.95 -13.34 -19.98
C SER A 165 24.21 -12.04 -20.42
N GLY A 166 24.98 -11.03 -20.83
CA GLY A 166 24.43 -9.78 -21.32
C GLY A 166 24.16 -8.69 -20.31
N PHE A 167 24.26 -9.00 -19.01
CA PHE A 167 23.99 -8.03 -17.95
C PHE A 167 25.10 -7.96 -16.90
N ASP A 168 26.38 -8.01 -17.35
CA ASP A 168 27.56 -7.99 -16.46
C ASP A 168 27.53 -6.84 -15.45
N TRP A 169 26.94 -5.69 -15.83
CA TRP A 169 26.86 -4.49 -14.99
C TRP A 169 26.10 -4.75 -13.67
N VAL A 170 25.12 -5.68 -13.71
CA VAL A 170 24.32 -6.02 -12.54
C VAL A 170 25.19 -6.68 -11.47
N THR A 171 25.96 -7.71 -11.84
CA THR A 171 26.77 -8.46 -10.87
C THR A 171 28.20 -7.91 -10.67
N ASP A 172 28.70 -7.03 -11.55
CA ASP A 172 30.05 -6.47 -11.36
C ASP A 172 30.15 -5.42 -10.26
N HIS A 173 29.04 -4.97 -9.72
CA HIS A 173 28.92 -3.95 -8.69
C HIS A 173 29.40 -4.44 -7.29
N SER A 174 30.08 -3.56 -6.55
CA SER A 174 30.57 -3.91 -5.21
C SER A 174 29.82 -3.24 -4.05
N GLY A 175 28.76 -2.48 -4.34
CA GLY A 175 27.98 -1.81 -3.30
C GLY A 175 26.70 -2.55 -2.99
N LYS A 176 25.70 -1.84 -2.47
CA LYS A 176 24.40 -2.46 -2.14
C LYS A 176 23.33 -1.94 -3.09
N THR A 177 22.51 -2.85 -3.66
CA THR A 177 21.47 -2.48 -4.62
C THR A 177 20.05 -2.77 -4.13
N VAL A 178 19.10 -1.86 -4.43
CA VAL A 178 17.70 -2.07 -4.15
C VAL A 178 17.02 -2.21 -5.53
N TRP A 179 16.46 -3.37 -5.81
CA TRP A 179 15.87 -3.68 -7.10
C TRP A 179 14.33 -3.81 -6.99
N PHE A 180 13.60 -2.99 -7.75
CA PHE A 180 12.15 -3.03 -7.77
C PHE A 180 11.65 -3.93 -8.90
N VAL A 181 10.83 -4.94 -8.55
CA VAL A 181 10.24 -5.89 -9.49
C VAL A 181 8.70 -5.74 -9.53
N PRO A 182 8.04 -6.18 -10.60
CA PRO A 182 6.56 -6.04 -10.67
C PRO A 182 5.76 -6.98 -9.76
N SER A 183 6.36 -8.11 -9.32
CA SER A 183 5.64 -9.10 -8.50
C SER A 183 6.56 -9.98 -7.65
N VAL A 184 5.97 -10.63 -6.62
CA VAL A 184 6.63 -11.59 -5.73
C VAL A 184 7.23 -12.75 -6.56
N ARG A 185 6.44 -13.38 -7.47
CA ARG A 185 6.86 -14.46 -8.36
C ARG A 185 8.03 -14.04 -9.24
N ASN A 186 8.06 -12.78 -9.71
CA ASN A 186 9.19 -12.30 -10.52
CA ASN A 186 9.16 -12.26 -10.51
C ASN A 186 10.41 -12.07 -9.64
N GLY A 187 10.22 -11.53 -8.45
CA GLY A 187 11.32 -11.31 -7.53
C GLY A 187 11.99 -12.60 -7.11
N ASN A 188 11.21 -13.72 -6.99
CA ASN A 188 11.73 -15.03 -6.60
C ASN A 188 12.75 -15.56 -7.64
N GLU A 189 12.41 -15.45 -8.94
CA GLU A 189 13.25 -15.91 -10.06
C GLU A 189 14.59 -15.17 -10.14
N ILE A 190 14.53 -13.83 -10.05
CA ILE A 190 15.72 -12.99 -10.05
C ILE A 190 16.56 -13.23 -8.80
N ALA A 191 15.90 -13.44 -7.64
CA ALA A 191 16.63 -13.67 -6.39
C ALA A 191 17.38 -14.98 -6.46
N ALA A 192 16.73 -16.02 -6.99
CA ALA A 192 17.36 -17.34 -7.15
C ALA A 192 18.61 -17.24 -8.04
N CYS A 193 18.51 -16.46 -9.14
CA CYS A 193 19.62 -16.19 -10.07
C CYS A 193 20.81 -15.51 -9.38
N LEU A 194 20.53 -14.45 -8.58
CA LEU A 194 21.57 -13.70 -7.85
C LEU A 194 22.21 -14.55 -6.76
N THR A 195 21.40 -15.36 -6.05
CA THR A 195 21.94 -16.25 -5.02
C THR A 195 22.91 -17.27 -5.62
N LYS A 196 22.51 -17.88 -6.75
CA LYS A 196 23.34 -18.82 -7.49
C LYS A 196 24.69 -18.17 -7.90
N ALA A 197 24.72 -16.84 -8.12
CA ALA A 197 25.93 -16.12 -8.50
C ALA A 197 26.81 -15.68 -7.31
N GLY A 198 26.46 -16.10 -6.09
CA GLY A 198 27.21 -15.76 -4.90
C GLY A 198 26.73 -14.53 -4.17
N LYS A 199 25.50 -14.04 -4.50
CA LYS A 199 24.98 -12.85 -3.83
C LYS A 199 24.06 -13.15 -2.63
N ARG A 200 24.03 -12.23 -1.64
CA ARG A 200 23.17 -12.34 -0.46
C ARG A 200 21.95 -11.47 -0.68
N VAL A 201 20.81 -12.10 -0.85
CA VAL A 201 19.58 -11.42 -1.23
C VAL A 201 18.51 -11.49 -0.18
N ILE A 202 17.83 -10.37 0.08
CA ILE A 202 16.67 -10.27 0.98
C ILE A 202 15.46 -9.87 0.10
N GLN A 203 14.29 -10.48 0.30
CA GLN A 203 13.11 -10.15 -0.52
C GLN A 203 12.01 -9.53 0.29
N LEU A 204 11.49 -8.36 -0.15
CA LEU A 204 10.42 -7.68 0.58
C LEU A 204 9.14 -7.69 -0.21
N SER A 205 8.00 -7.83 0.48
CA SER A 205 6.66 -7.75 -0.10
C SER A 205 5.67 -7.31 0.98
N ARG A 206 4.43 -6.96 0.62
CA ARG A 206 3.44 -6.47 1.59
C ARG A 206 3.27 -7.37 2.83
N LYS A 207 3.00 -8.67 2.63
CA LYS A 207 2.74 -9.60 3.73
C LYS A 207 3.94 -9.89 4.60
N THR A 208 5.15 -9.75 4.06
CA THR A 208 6.36 -10.07 4.84
C THR A 208 7.21 -8.85 5.20
N PHE A 209 6.73 -7.63 4.98
CA PHE A 209 7.46 -6.37 5.14
C PHE A 209 8.12 -6.14 6.53
N GLU A 210 7.36 -6.11 7.65
CA GLU A 210 7.93 -5.82 8.97
C GLU A 210 9.04 -6.79 9.39
N THR A 211 8.83 -8.07 9.14
CA THR A 211 9.75 -9.15 9.51
C THR A 211 11.05 -9.16 8.69
N GLU A 212 10.93 -9.02 7.36
CA GLU A 212 12.08 -9.10 6.48
C GLU A 212 12.86 -7.79 6.38
N PHE A 213 12.20 -6.62 6.65
CA PHE A 213 12.88 -5.32 6.61
C PHE A 213 13.94 -5.18 7.71
N GLN A 214 13.68 -5.81 8.87
CA GLN A 214 14.60 -5.83 9.99
C GLN A 214 15.97 -6.40 9.58
N LYS A 215 15.96 -7.37 8.64
CA LYS A 215 17.16 -8.02 8.08
C LYS A 215 18.09 -7.08 7.34
N THR A 216 17.56 -5.99 6.76
CA THR A 216 18.39 -4.99 6.07
C THR A 216 19.31 -4.24 7.05
N LYS A 217 18.95 -4.20 8.35
CA LYS A 217 19.76 -3.58 9.42
C LYS A 217 20.53 -4.65 10.22
N ASN A 218 19.93 -5.84 10.40
CA ASN A 218 20.55 -6.89 11.20
C ASN A 218 21.67 -7.67 10.52
N GLN A 219 21.64 -7.80 9.18
CA GLN A 219 22.69 -8.57 8.50
C GLN A 219 23.18 -7.93 7.21
N GLU A 220 24.41 -8.30 6.81
CA GLU A 220 25.06 -7.83 5.59
C GLU A 220 24.34 -8.39 4.36
N TRP A 221 24.04 -7.52 3.41
CA TRP A 221 23.36 -7.93 2.18
C TRP A 221 24.01 -7.28 0.95
N ASP A 222 23.76 -7.83 -0.25
CA ASP A 222 24.24 -7.25 -1.50
C ASP A 222 23.05 -6.68 -2.27
N PHE A 223 21.91 -7.39 -2.26
CA PHE A 223 20.70 -6.97 -2.97
C PHE A 223 19.46 -7.09 -2.11
N VAL A 224 18.52 -6.19 -2.35
CA VAL A 224 17.19 -6.22 -1.77
C VAL A 224 16.21 -6.26 -2.97
N ILE A 225 15.46 -7.35 -3.13
CA ILE A 225 14.47 -7.44 -4.19
C ILE A 225 13.14 -7.08 -3.58
N THR A 226 12.47 -6.04 -4.12
CA THR A 226 11.22 -5.59 -3.51
C THR A 226 10.13 -5.26 -4.52
N THR A 227 8.88 -5.29 -4.03
CA THR A 227 7.76 -4.86 -4.84
C THR A 227 7.61 -3.32 -4.59
N ASP A 228 6.53 -2.70 -5.07
CA ASP A 228 6.23 -1.29 -4.90
C ASP A 228 6.04 -0.87 -3.44
N ILE A 229 5.94 -1.84 -2.48
CA ILE A 229 5.77 -1.54 -1.05
C ILE A 229 6.93 -0.65 -0.51
N SER A 230 8.16 -0.82 -1.03
CA SER A 230 9.29 -0.01 -0.59
C SER A 230 9.27 1.44 -1.10
N GLU A 231 8.19 1.86 -1.78
CA GLU A 231 8.00 3.25 -2.20
C GLU A 231 7.41 4.11 -1.04
N MET A 232 7.03 3.48 0.10
CA MET A 232 6.39 4.16 1.22
C MET A 232 7.30 4.39 2.44
N GLY A 233 8.35 5.19 2.26
CA GLY A 233 9.23 5.56 3.36
C GLY A 233 10.38 4.65 3.71
N ALA A 234 10.35 3.38 3.23
CA ALA A 234 11.40 2.38 3.45
C ALA A 234 12.81 2.93 3.17
N ASN A 235 13.56 3.25 4.24
CA ASN A 235 14.91 3.80 4.08
C ASN A 235 15.96 2.72 4.02
N PHE A 236 16.86 2.80 3.02
CA PHE A 236 17.96 1.85 2.84
C PHE A 236 19.30 2.56 2.83
N LYS A 237 20.36 1.83 3.17
CA LYS A 237 21.75 2.31 3.21
C LYS A 237 22.41 1.72 1.97
N ALA A 238 21.98 2.20 0.80
CA ALA A 238 22.36 1.66 -0.49
C ALA A 238 23.00 2.70 -1.43
N ASP A 239 23.70 2.26 -2.49
CA ASP A 239 24.28 3.17 -3.46
C ASP A 239 23.75 2.99 -4.88
N ARG A 240 22.75 2.12 -5.09
CA ARG A 240 22.18 1.89 -6.42
C ARG A 240 20.75 1.41 -6.33
N VAL A 241 19.91 1.77 -7.32
CA VAL A 241 18.54 1.31 -7.46
C VAL A 241 18.44 0.79 -8.90
N ILE A 242 18.04 -0.46 -9.06
CA ILE A 242 17.79 -1.04 -10.37
C ILE A 242 16.26 -1.03 -10.45
N ASP A 243 15.69 -0.34 -11.42
CA ASP A 243 14.23 -0.20 -11.51
C ASP A 243 13.70 -0.76 -12.82
N SER A 244 12.95 -1.86 -12.73
CA SER A 244 12.33 -2.44 -13.92
C SER A 244 11.34 -1.46 -14.60
N ARG A 245 10.80 -0.48 -13.83
CA ARG A 245 9.79 0.48 -14.26
C ARG A 245 8.46 -0.20 -14.63
N ARG A 246 8.23 -1.42 -14.10
CA ARG A 246 7.01 -2.19 -14.36
C ARG A 246 6.27 -2.60 -13.08
N CYS A 247 4.96 -2.82 -13.19
CA CYS A 247 4.10 -3.15 -12.06
C CYS A 247 2.88 -3.90 -12.57
N LEU A 248 2.22 -4.65 -11.67
CA LEU A 248 0.96 -5.31 -12.03
C LEU A 248 -0.19 -4.38 -11.68
N LYS A 249 -1.25 -4.45 -12.45
CA LYS A 249 -2.41 -3.59 -12.25
C LYS A 249 -3.68 -4.43 -12.09
N PRO A 250 -4.38 -4.34 -10.94
CA PRO A 250 -5.66 -5.06 -10.81
C PRO A 250 -6.72 -4.39 -11.68
N VAL A 251 -7.46 -5.17 -12.49
CA VAL A 251 -8.48 -4.63 -13.40
C VAL A 251 -9.82 -5.40 -13.30
N ILE A 252 -10.92 -4.72 -13.08
CA ILE A 252 -12.24 -5.35 -13.04
C ILE A 252 -12.77 -5.49 -14.49
N LEU A 253 -12.87 -6.72 -15.00
CA LEU A 253 -13.36 -6.95 -16.36
C LEU A 253 -14.83 -7.25 -16.35
N ASP A 254 -15.60 -6.50 -17.16
CA ASP A 254 -17.05 -6.69 -17.30
C ASP A 254 -17.84 -6.72 -15.98
N GLY A 255 -17.27 -6.15 -14.91
CA GLY A 255 -17.88 -6.14 -13.58
C GLY A 255 -18.02 -7.51 -12.93
N GLU A 256 -17.50 -8.57 -13.57
CA GLU A 256 -17.59 -9.99 -13.17
C GLU A 256 -16.35 -10.57 -12.48
N ARG A 257 -15.14 -10.07 -12.80
CA ARG A 257 -13.92 -10.66 -12.25
C ARG A 257 -12.77 -9.66 -12.16
N VAL A 258 -11.73 -9.99 -11.41
CA VAL A 258 -10.56 -9.13 -11.27
C VAL A 258 -9.36 -9.91 -11.81
N ILE A 259 -8.61 -9.32 -12.73
CA ILE A 259 -7.41 -9.94 -13.26
C ILE A 259 -6.16 -9.08 -12.91
N LEU A 260 -4.97 -9.67 -12.93
CA LEU A 260 -3.75 -8.91 -12.68
C LEU A 260 -3.07 -8.67 -14.01
N ALA A 261 -3.36 -7.51 -14.62
CA ALA A 261 -2.87 -7.15 -15.94
C ALA A 261 -1.47 -6.60 -15.89
N GLY A 262 -0.71 -6.90 -16.92
CA GLY A 262 0.67 -6.43 -17.02
C GLY A 262 1.70 -7.54 -17.04
N PRO A 263 2.96 -7.25 -16.66
CA PRO A 263 3.48 -5.97 -16.16
C PRO A 263 3.35 -4.83 -17.16
N MET A 264 3.08 -3.64 -16.61
CA MET A 264 2.94 -2.41 -17.39
C MET A 264 3.65 -1.25 -16.70
N PRO A 265 3.90 -0.14 -17.43
CA PRO A 265 4.66 0.97 -16.83
C PRO A 265 4.10 1.57 -15.53
N VAL A 266 5.01 1.93 -14.61
CA VAL A 266 4.61 2.56 -13.36
C VAL A 266 4.24 4.06 -13.62
N THR A 267 3.60 4.72 -12.65
CA THR A 267 3.32 6.14 -12.78
C THR A 267 4.61 6.95 -12.54
N HIS A 268 4.57 8.26 -12.86
CA HIS A 268 5.71 9.16 -12.66
C HIS A 268 6.03 9.30 -11.16
N ALA A 269 4.98 9.29 -10.31
CA ALA A 269 5.07 9.32 -8.85
C ALA A 269 5.86 8.08 -8.36
N SER A 270 5.47 6.85 -8.79
CA SER A 270 6.15 5.61 -8.38
C SER A 270 7.61 5.57 -8.79
N ALA A 271 7.91 5.98 -10.03
CA ALA A 271 9.29 6.01 -10.53
C ALA A 271 10.12 6.99 -9.71
N ALA A 272 9.55 8.14 -9.34
CA ALA A 272 10.26 9.14 -8.54
C ALA A 272 10.52 8.63 -7.12
N GLN A 273 9.54 7.90 -6.56
CA GLN A 273 9.69 7.32 -5.22
C GLN A 273 10.71 6.20 -5.22
N ARG A 274 10.76 5.39 -6.30
CA ARG A 274 11.72 4.28 -6.38
C ARG A 274 13.12 4.85 -6.52
N ARG A 275 13.29 5.87 -7.36
CA ARG A 275 14.58 6.54 -7.50
C ARG A 275 15.00 7.19 -6.17
N GLY A 276 14.01 7.76 -5.45
CA GLY A 276 14.18 8.46 -4.19
C GLY A 276 14.82 7.66 -3.08
N ARG A 277 14.95 6.32 -3.24
CA ARG A 277 15.63 5.48 -2.23
C ARG A 277 17.13 5.82 -2.15
N ILE A 278 17.72 6.39 -3.23
CA ILE A 278 19.14 6.72 -3.25
C ILE A 278 19.37 8.23 -3.55
N GLY A 279 20.60 8.70 -3.36
CA GLY A 279 20.95 10.10 -3.50
C GLY A 279 20.55 10.93 -2.28
N ARG A 280 20.34 10.27 -1.12
CA ARG A 280 19.88 10.89 0.12
C ARG A 280 20.99 11.36 1.08
N ASN A 281 22.25 10.94 0.87
CA ASN A 281 23.35 11.34 1.76
C ASN A 281 24.12 12.41 1.00
N PRO A 282 24.07 13.66 1.47
CA PRO A 282 24.81 14.73 0.77
C PRO A 282 26.32 14.52 0.73
N ASN A 283 26.87 13.67 1.62
CA ASN A 283 28.30 13.39 1.60
C ASN A 283 28.66 12.22 0.65
N LYS A 284 27.68 11.57 0.00
CA LYS A 284 27.96 10.47 -0.93
C LYS A 284 27.31 10.70 -2.28
N PRO A 285 27.90 11.57 -3.12
CA PRO A 285 27.31 11.83 -4.43
C PRO A 285 27.54 10.66 -5.40
N GLY A 286 26.80 10.65 -6.51
CA GLY A 286 26.98 9.63 -7.52
C GLY A 286 26.32 8.28 -7.31
N ASP A 287 25.22 8.23 -6.53
CA ASP A 287 24.46 6.96 -6.41
C ASP A 287 23.83 6.67 -7.79
N GLU A 288 23.65 5.40 -8.13
CA GLU A 288 23.16 5.04 -9.46
C GLU A 288 21.67 4.68 -9.55
N TYR A 289 20.99 5.19 -10.58
CA TYR A 289 19.58 4.84 -10.82
C TYR A 289 19.47 4.28 -12.23
N MET A 290 19.42 2.97 -12.36
CA MET A 290 19.30 2.31 -13.65
C MET A 290 17.84 1.99 -13.89
N TYR A 291 17.22 2.56 -14.92
CA TYR A 291 15.81 2.29 -15.21
C TYR A 291 15.62 1.60 -16.56
N GLY A 292 14.72 0.61 -16.60
CA GLY A 292 14.49 -0.22 -17.79
C GLY A 292 13.19 -0.09 -18.54
N GLY A 293 12.59 1.08 -18.50
CA GLY A 293 11.33 1.37 -19.20
C GLY A 293 10.84 2.77 -18.91
N GLY A 294 9.76 3.18 -19.57
CA GLY A 294 9.18 4.50 -19.34
C GLY A 294 7.99 4.47 -18.40
N CYS A 295 7.44 5.67 -18.06
CA CYS A 295 6.25 5.83 -17.20
C CYS A 295 5.01 6.03 -18.05
N ALA A 296 3.87 5.72 -17.49
CA ALA A 296 2.56 5.96 -18.08
C ALA A 296 1.58 6.14 -16.91
N GLU A 297 0.41 6.76 -17.18
CA GLU A 297 -0.55 6.96 -16.11
CA GLU A 297 -0.64 7.01 -16.21
C GLU A 297 -1.48 5.74 -16.01
N THR A 298 -0.86 4.61 -15.52
CA THR A 298 -1.52 3.32 -15.30
C THR A 298 -2.51 3.33 -14.12
N ASP A 299 -2.63 4.47 -13.41
CA ASP A 299 -3.64 4.58 -12.35
C ASP A 299 -5.06 4.71 -12.91
N GLU A 300 -5.22 5.00 -14.21
CA GLU A 300 -6.55 5.13 -14.80
C GLU A 300 -7.16 3.77 -14.99
N GLY A 301 -8.34 3.57 -14.40
CA GLY A 301 -9.04 2.30 -14.52
C GLY A 301 -8.50 1.17 -13.66
N HIS A 302 -7.57 1.51 -12.74
CA HIS A 302 -6.96 0.60 -11.77
C HIS A 302 -8.07 0.31 -10.73
N ALA A 303 -8.24 -0.95 -10.26
CA ALA A 303 -9.33 -1.28 -9.34
C ALA A 303 -9.26 -0.67 -7.91
N HIS A 304 -8.06 -0.23 -7.45
CA HIS A 304 -7.95 0.36 -6.12
C HIS A 304 -8.87 1.57 -5.91
N TRP A 305 -9.05 2.40 -6.96
CA TRP A 305 -9.85 3.61 -6.92
C TRP A 305 -11.36 3.31 -6.84
N LEU A 306 -11.79 2.20 -7.46
CA LEU A 306 -13.16 1.71 -7.40
C LEU A 306 -13.42 1.14 -5.98
N GLU A 307 -12.43 0.45 -5.41
CA GLU A 307 -12.50 -0.13 -4.08
C GLU A 307 -12.57 0.94 -3.00
N ALA A 308 -11.87 2.07 -3.20
CA ALA A 308 -11.92 3.20 -2.25
C ALA A 308 -13.32 3.83 -2.23
N ARG A 309 -14.02 3.83 -3.37
CA ARG A 309 -15.41 4.30 -3.47
C ARG A 309 -16.35 3.32 -2.76
N MET A 310 -16.07 2.01 -2.79
CA MET A 310 -16.82 0.97 -2.08
C MET A 310 -16.67 1.19 -0.55
N LEU A 311 -15.46 1.59 -0.11
CA LEU A 311 -15.16 1.88 1.29
C LEU A 311 -15.89 3.17 1.76
N LEU A 312 -15.77 4.28 0.98
CA LEU A 312 -16.36 5.57 1.31
C LEU A 312 -17.88 5.56 1.26
N ASP A 313 -18.48 4.80 0.33
CA ASP A 313 -19.94 4.66 0.28
C ASP A 313 -20.50 3.95 1.54
N ASN A 314 -19.63 3.36 2.37
CA ASN A 314 -20.05 2.63 3.56
C ASN A 314 -19.48 3.22 4.87
N ILE A 315 -19.11 4.49 4.86
CA ILE A 315 -18.62 5.23 6.01
C ILE A 315 -19.60 6.38 6.27
N TYR A 316 -20.06 6.52 7.51
CA TYR A 316 -20.96 7.63 7.88
C TYR A 316 -20.19 8.96 7.95
N LEU A 317 -20.78 10.03 7.43
CA LEU A 317 -20.15 11.34 7.44
C LEU A 317 -21.10 12.39 8.09
N GLN A 318 -22.34 12.42 7.62
CA GLN A 318 -23.40 13.31 8.08
C GLN A 318 -24.65 12.89 7.29
N ASP A 319 -25.68 12.40 7.98
CA ASP A 319 -26.95 11.91 7.42
C ASP A 319 -26.73 10.98 6.17
N GLY A 320 -27.27 11.33 5.00
CA GLY A 320 -27.09 10.52 3.80
C GLY A 320 -25.90 10.91 2.93
N LEU A 321 -25.12 11.93 3.36
CA LEU A 321 -23.94 12.41 2.64
C LEU A 321 -22.84 11.37 2.63
N ILE A 322 -22.10 11.33 1.53
CA ILE A 322 -21.01 10.39 1.34
C ILE A 322 -19.75 11.16 0.93
N ALA A 323 -18.60 10.85 1.54
CA ALA A 323 -17.35 11.53 1.20
C ALA A 323 -16.96 11.26 -0.24
N SER A 324 -16.42 12.29 -0.89
CA SER A 324 -15.90 12.26 -2.24
C SER A 324 -14.40 11.92 -2.21
N LEU A 325 -13.84 11.46 -3.33
CA LEU A 325 -12.40 11.20 -3.40
C LEU A 325 -11.68 12.52 -3.51
N TYR A 326 -10.45 12.61 -2.96
CA TYR A 326 -9.57 13.79 -3.05
C TYR A 326 -9.53 14.28 -4.53
N ARG A 327 -10.00 15.51 -4.81
CA ARG A 327 -10.17 16.07 -6.17
C ARG A 327 -9.04 15.72 -7.20
N PRO A 328 -7.72 15.88 -6.90
CA PRO A 328 -6.70 15.49 -7.90
C PRO A 328 -6.68 14.03 -8.32
N GLU A 329 -7.32 13.14 -7.56
CA GLU A 329 -7.38 11.71 -7.93
C GLU A 329 -8.82 11.19 -8.12
N ALA A 330 -9.81 12.08 -8.15
CA ALA A 330 -11.22 11.71 -8.24
C ALA A 330 -11.67 11.20 -9.61
N ASP A 331 -10.89 11.43 -10.67
CA ASP A 331 -11.29 11.01 -12.02
C ASP A 331 -10.68 9.68 -12.47
N LYS A 332 -9.92 9.01 -11.61
CA LYS A 332 -9.31 7.72 -11.97
C LYS A 332 -10.32 6.57 -12.06
N VAL A 333 -11.54 6.76 -11.57
CA VAL A 333 -12.58 5.76 -11.58
C VAL A 333 -13.88 6.35 -12.07
N ALA A 334 -14.61 5.63 -12.94
CA ALA A 334 -15.89 6.12 -13.41
C ALA A 334 -16.97 5.56 -12.50
N ALA A 335 -17.14 6.16 -11.32
CA ALA A 335 -18.12 5.64 -10.35
C ALA A 335 -19.03 6.71 -9.77
N ILE A 336 -20.33 6.39 -9.65
CA ILE A 336 -21.39 7.22 -9.09
C ILE A 336 -21.34 7.13 -7.55
N GLU A 337 -21.17 8.27 -6.85
CA GLU A 337 -21.14 8.30 -5.39
C GLU A 337 -22.42 7.75 -4.80
N GLY A 338 -22.29 6.77 -3.92
CA GLY A 338 -23.39 6.09 -3.27
C GLY A 338 -23.84 4.77 -3.86
N GLU A 339 -23.33 4.38 -5.06
CA GLU A 339 -23.80 3.15 -5.71
C GLU A 339 -23.40 1.87 -4.99
N PHE A 340 -22.39 1.92 -4.12
CA PHE A 340 -21.97 0.74 -3.35
C PHE A 340 -22.47 0.77 -1.90
N LYS A 341 -23.40 1.66 -1.56
CA LYS A 341 -23.90 1.74 -0.18
C LYS A 341 -24.72 0.49 0.19
N LEU A 342 -24.35 -0.15 1.30
CA LEU A 342 -25.03 -1.35 1.75
C LEU A 342 -25.89 -1.10 2.99
N ARG A 343 -26.92 -1.93 3.17
CA ARG A 343 -27.75 -1.85 4.37
C ARG A 343 -26.94 -2.40 5.58
N THR A 344 -27.36 -2.05 6.80
CA THR A 344 -26.67 -2.38 8.05
C THR A 344 -26.09 -3.82 8.11
N GLU A 345 -26.91 -4.83 7.83
CA GLU A 345 -26.44 -6.22 7.88
C GLU A 345 -25.43 -6.60 6.78
N GLN A 346 -25.68 -6.24 5.51
CA GLN A 346 -24.72 -6.55 4.43
C GLN A 346 -23.38 -5.81 4.65
N ARG A 347 -23.45 -4.59 5.19
CA ARG A 347 -22.27 -3.78 5.46
C ARG A 347 -21.41 -4.46 6.51
N LYS A 348 -22.05 -5.04 7.54
CA LYS A 348 -21.41 -5.75 8.64
C LYS A 348 -20.64 -6.97 8.15
N THR A 349 -21.21 -7.68 7.17
CA THR A 349 -20.63 -8.82 6.47
C THR A 349 -19.40 -8.35 5.64
N PHE A 350 -19.55 -7.24 4.86
CA PHE A 350 -18.53 -6.62 3.98
C PHE A 350 -17.29 -6.31 4.81
N VAL A 351 -17.49 -5.71 5.98
CA VAL A 351 -16.44 -5.35 6.93
C VAL A 351 -15.73 -6.59 7.47
N GLU A 352 -16.49 -7.59 7.90
CA GLU A 352 -15.88 -8.80 8.43
C GLU A 352 -15.12 -9.60 7.37
N LEU A 353 -15.56 -9.62 6.09
CA LEU A 353 -14.86 -10.34 5.03
C LEU A 353 -13.48 -9.70 4.75
N MET A 354 -13.34 -8.38 4.94
CA MET A 354 -12.07 -7.71 4.73
C MET A 354 -11.20 -7.80 5.97
N LYS A 355 -11.80 -7.51 7.13
CA LYS A 355 -11.08 -7.49 8.41
C LYS A 355 -10.66 -8.90 8.88
N ARG A 356 -11.60 -9.84 8.99
CA ARG A 356 -11.28 -11.19 9.44
C ARG A 356 -10.95 -12.15 8.29
N GLY A 357 -11.73 -12.10 7.20
CA GLY A 357 -11.49 -12.98 6.06
C GLY A 357 -10.27 -12.67 5.23
N ASP A 358 -9.72 -11.46 5.39
CA ASP A 358 -8.57 -10.93 4.68
C ASP A 358 -8.76 -10.94 3.15
N LEU A 359 -9.99 -10.69 2.68
CA LEU A 359 -10.28 -10.70 1.25
C LEU A 359 -10.12 -9.31 0.64
N PRO A 360 -9.77 -9.23 -0.66
CA PRO A 360 -9.73 -7.90 -1.32
C PRO A 360 -11.09 -7.21 -1.26
N VAL A 361 -11.10 -5.85 -1.18
CA VAL A 361 -12.32 -5.03 -1.11
C VAL A 361 -13.39 -5.45 -2.12
N TRP A 362 -13.01 -5.57 -3.41
CA TRP A 362 -13.92 -5.92 -4.50
C TRP A 362 -14.56 -7.28 -4.27
N LEU A 363 -13.77 -8.29 -3.84
CA LEU A 363 -14.29 -9.63 -3.62
C LEU A 363 -15.25 -9.67 -2.42
N ALA A 364 -14.86 -9.03 -1.31
CA ALA A 364 -15.73 -8.90 -0.12
C ALA A 364 -17.11 -8.23 -0.47
N TYR A 365 -17.09 -7.22 -1.36
CA TYR A 365 -18.29 -6.51 -1.78
C TYR A 365 -19.23 -7.44 -2.57
N GLN A 366 -18.68 -8.27 -3.47
CA GLN A 366 -19.49 -9.22 -4.24
C GLN A 366 -20.21 -10.20 -3.31
N VAL A 367 -19.48 -10.73 -2.32
CA VAL A 367 -20.06 -11.68 -1.39
C VAL A 367 -21.18 -11.05 -0.54
N ALA A 368 -20.90 -9.94 0.13
CA ALA A 368 -21.82 -9.23 1.02
C ALA A 368 -23.10 -8.75 0.32
N SER A 369 -23.00 -8.11 -0.87
CA SER A 369 -24.16 -7.62 -1.61
C SER A 369 -25.04 -8.75 -2.18
N ALA A 370 -24.52 -9.98 -2.27
CA ALA A 370 -25.28 -11.13 -2.74
C ALA A 370 -26.18 -11.74 -1.64
N GLY A 371 -26.12 -11.20 -0.41
CA GLY A 371 -26.87 -11.68 0.73
C GLY A 371 -26.28 -12.89 1.45
N ILE A 372 -25.01 -13.11 1.26
CA ILE A 372 -24.29 -14.23 1.86
C ILE A 372 -23.71 -13.83 3.21
N THR A 373 -23.86 -14.69 4.24
CA THR A 373 -23.29 -14.42 5.57
C THR A 373 -21.79 -14.77 5.59
N TYR A 374 -21.03 -14.11 6.49
CA TYR A 374 -19.57 -14.26 6.56
C TYR A 374 -19.07 -15.69 6.56
N THR A 375 -19.65 -16.54 7.40
CA THR A 375 -19.20 -17.93 7.57
C THR A 375 -19.70 -18.93 6.49
N ASP A 376 -20.61 -18.51 5.62
CA ASP A 376 -21.12 -19.35 4.55
C ASP A 376 -20.12 -19.34 3.40
N ARG A 377 -19.40 -20.47 3.18
CA ARG A 377 -18.33 -20.59 2.18
C ARG A 377 -18.72 -21.36 0.90
N ARG A 378 -20.04 -21.65 0.68
CA ARG A 378 -20.52 -22.38 -0.49
C ARG A 378 -20.17 -21.70 -1.82
N TRP A 379 -20.05 -20.37 -1.88
CA TRP A 379 -19.66 -19.67 -3.10
C TRP A 379 -18.19 -20.00 -3.51
N CYS A 380 -17.34 -20.48 -2.55
CA CYS A 380 -15.93 -20.84 -2.89
C CYS A 380 -15.85 -22.07 -3.81
N PHE A 381 -16.96 -22.81 -4.01
CA PHE A 381 -16.92 -24.06 -4.77
C PHE A 381 -17.96 -24.16 -5.88
N ASP A 382 -18.85 -23.17 -6.03
CA ASP A 382 -19.92 -23.30 -7.03
C ASP A 382 -19.83 -22.38 -8.25
N GLY A 383 -18.64 -21.89 -8.59
CA GLY A 383 -18.46 -21.05 -9.76
C GLY A 383 -18.32 -21.85 -11.05
N THR A 384 -18.14 -21.18 -12.20
CA THR A 384 -17.98 -21.87 -13.50
C THR A 384 -16.63 -22.62 -13.59
N THR A 385 -16.50 -23.54 -14.57
CA THR A 385 -15.28 -24.33 -14.77
C THR A 385 -14.05 -23.46 -15.09
N ASN A 386 -14.24 -22.28 -15.75
CA ASN A 386 -13.07 -21.43 -16.04
C ASN A 386 -12.66 -20.55 -14.82
N ASN A 387 -13.39 -20.65 -13.68
CA ASN A 387 -13.03 -20.01 -12.42
C ASN A 387 -12.20 -20.93 -11.53
N THR A 388 -11.85 -22.15 -11.99
CA THR A 388 -11.03 -23.08 -11.21
C THR A 388 -9.68 -22.46 -10.90
N ILE A 389 -9.28 -22.45 -9.62
CA ILE A 389 -7.98 -21.91 -9.24
C ILE A 389 -6.95 -23.03 -9.41
N MET A 390 -5.83 -22.75 -10.08
CA MET A 390 -4.81 -23.76 -10.33
C MET A 390 -3.58 -23.63 -9.44
N GLU A 391 -3.12 -24.77 -8.90
CA GLU A 391 -1.90 -24.79 -8.09
CA GLU A 391 -1.93 -24.82 -8.06
C GLU A 391 -0.96 -25.83 -8.68
N ASP A 392 0.27 -25.42 -9.03
CA ASP A 392 1.28 -26.30 -9.64
C ASP A 392 0.78 -26.94 -10.96
N SER A 393 -0.05 -26.19 -11.72
CA SER A 393 -0.62 -26.63 -13.00
C SER A 393 -1.70 -27.70 -12.86
N VAL A 394 -2.27 -27.87 -11.66
CA VAL A 394 -3.35 -28.85 -11.39
C VAL A 394 -4.40 -28.15 -10.52
N PRO A 395 -5.72 -28.36 -10.75
CA PRO A 395 -6.73 -27.69 -9.89
C PRO A 395 -6.43 -27.77 -8.39
N ALA A 396 -6.48 -26.62 -7.68
CA ALA A 396 -6.25 -26.58 -6.24
C ALA A 396 -7.39 -27.29 -5.51
N GLU A 397 -7.07 -27.96 -4.40
CA GLU A 397 -8.06 -28.73 -3.66
C GLU A 397 -8.09 -28.49 -2.15
N VAL A 398 -9.31 -28.42 -1.57
CA VAL A 398 -9.43 -28.26 -0.11
C VAL A 398 -10.50 -29.20 0.46
N TRP A 399 -10.39 -29.46 1.78
CA TRP A 399 -11.43 -30.18 2.48
C TRP A 399 -12.34 -29.10 3.03
N THR A 400 -13.63 -29.16 2.70
CA THR A 400 -14.60 -28.20 3.20
C THR A 400 -14.86 -28.43 4.70
N LYS A 401 -15.53 -27.48 5.37
CA LYS A 401 -15.91 -27.66 6.78
C LYS A 401 -16.84 -28.88 6.99
N TYR A 402 -17.44 -29.41 5.91
CA TYR A 402 -18.25 -30.62 5.99
C TYR A 402 -17.44 -31.94 5.95
N GLY A 403 -16.15 -31.85 5.60
CA GLY A 403 -15.27 -33.01 5.52
C GLY A 403 -15.15 -33.58 4.12
N GLU A 404 -15.67 -32.86 3.10
CA GLU A 404 -15.67 -33.28 1.71
C GLU A 404 -14.48 -32.66 0.95
N LYS A 405 -13.86 -33.41 0.01
CA LYS A 405 -12.74 -32.88 -0.78
C LYS A 405 -13.28 -32.26 -2.05
N ARG A 406 -13.09 -30.94 -2.22
CA ARG A 406 -13.59 -30.21 -3.37
C ARG A 406 -12.55 -29.31 -4.05
N VAL A 407 -12.76 -29.08 -5.37
CA VAL A 407 -11.95 -28.20 -6.20
C VAL A 407 -12.36 -26.76 -5.90
N LEU A 408 -11.37 -25.88 -5.69
CA LEU A 408 -11.54 -24.46 -5.43
C LEU A 408 -12.04 -23.77 -6.71
N LYS A 409 -13.33 -23.45 -6.76
CA LYS A 409 -13.94 -22.85 -7.95
C LYS A 409 -14.86 -21.67 -7.52
N PRO A 410 -14.28 -20.51 -7.14
CA PRO A 410 -15.13 -19.42 -6.60
C PRO A 410 -16.11 -18.77 -7.58
N ARG A 411 -17.31 -18.42 -7.08
CA ARG A 411 -18.37 -17.78 -7.87
C ARG A 411 -17.89 -16.43 -8.45
N TRP A 412 -17.02 -15.72 -7.71
CA TRP A 412 -16.39 -14.50 -8.17
C TRP A 412 -14.90 -14.77 -8.20
N MET A 413 -14.26 -14.46 -9.32
CA MET A 413 -12.85 -14.73 -9.46
C MET A 413 -12.01 -13.46 -9.28
N ASP A 414 -11.19 -13.43 -8.25
CA ASP A 414 -10.28 -12.31 -8.01
C ASP A 414 -8.85 -12.86 -8.00
N ALA A 415 -8.07 -12.48 -9.01
CA ALA A 415 -6.67 -12.91 -9.18
C ALA A 415 -5.77 -12.69 -7.98
N ARG A 416 -6.09 -11.74 -7.10
CA ARG A 416 -5.27 -11.46 -5.93
C ARG A 416 -5.28 -12.56 -4.85
N VAL A 417 -6.32 -13.41 -4.85
CA VAL A 417 -6.38 -14.51 -3.87
C VAL A 417 -5.43 -15.66 -4.18
N CYS A 418 -4.82 -15.67 -5.37
CA CYS A 418 -3.88 -16.71 -5.78
C CYS A 418 -2.68 -16.14 -6.58
N SER A 419 -2.32 -14.87 -6.34
CA SER A 419 -1.24 -14.21 -7.06
C SER A 419 0.18 -14.76 -6.72
N ASP A 420 0.31 -15.46 -5.57
CA ASP A 420 1.54 -16.09 -5.11
C ASP A 420 1.23 -17.34 -4.24
N HIS A 421 2.25 -18.07 -3.74
CA HIS A 421 2.01 -19.26 -2.92
C HIS A 421 1.29 -18.93 -1.60
N ALA A 422 1.72 -17.87 -0.90
CA ALA A 422 1.15 -17.42 0.37
C ALA A 422 -0.35 -17.00 0.29
N ALA A 423 -0.71 -16.24 -0.75
CA ALA A 423 -2.08 -15.77 -0.94
C ALA A 423 -3.02 -16.94 -1.18
N LEU A 424 -2.61 -17.91 -2.03
CA LEU A 424 -3.46 -19.08 -2.29
C LEU A 424 -3.59 -19.97 -1.05
N LYS A 425 -2.50 -20.10 -0.24
CA LYS A 425 -2.57 -20.89 0.99
C LYS A 425 -3.61 -20.28 1.95
N SER A 426 -3.64 -18.94 2.04
CA SER A 426 -4.58 -18.21 2.87
C SER A 426 -6.00 -18.35 2.34
N PHE A 427 -6.18 -18.31 1.02
CA PHE A 427 -7.53 -18.44 0.43
C PHE A 427 -8.11 -19.85 0.61
N LYS A 428 -7.22 -20.87 0.62
CA LYS A 428 -7.61 -22.25 0.85
C LYS A 428 -8.16 -22.42 2.26
N GLU A 429 -7.45 -21.87 3.27
CA GLU A 429 -7.88 -21.84 4.67
C GLU A 429 -9.22 -21.11 4.85
N PHE A 430 -9.47 -20.02 4.11
CA PHE A 430 -10.73 -19.28 4.14
C PHE A 430 -11.86 -20.18 3.59
N ALA A 431 -11.64 -20.80 2.40
CA ALA A 431 -12.61 -21.68 1.78
C ALA A 431 -12.93 -22.93 2.63
N ALA A 432 -11.97 -23.34 3.49
CA ALA A 432 -12.18 -24.48 4.36
C ALA A 432 -12.95 -24.15 5.64
N GLY A 433 -13.16 -22.87 5.95
CA GLY A 433 -13.83 -22.42 7.16
C GLY A 433 -12.86 -22.28 8.33
N LYS A 434 -11.58 -22.02 8.04
CA LYS A 434 -10.55 -21.92 9.08
C LYS A 434 -10.42 -20.53 9.71
N ARG A 435 -11.08 -19.52 9.16
CA ARG A 435 -11.12 -18.19 9.77
C ARG A 435 -12.40 -17.44 9.36
C1 EDO B . 1.47 -2.87 4.04
O1 EDO B . 0.21 -2.65 3.43
C2 EDO B . 1.44 -4.11 4.89
O2 EDO B . 1.19 -3.76 6.25
P PO4 C . 11.70 12.91 3.83
O1 PO4 C . 10.66 12.34 4.77
O2 PO4 C . 11.26 14.29 3.31
O3 PO4 C . 11.88 11.96 2.63
O4 PO4 C . 13.07 13.05 4.56
P PO4 D . -1.16 -6.45 -5.14
O1 PO4 D . -2.48 -7.14 -5.40
O2 PO4 D . -0.06 -7.49 -4.89
O3 PO4 D . -0.78 -5.58 -6.35
O4 PO4 D . -1.27 -5.53 -3.90
C4 YEK E . -12.66 -3.99 6.79
C5 YEK E . -10.97 -2.28 4.56
C6 YEK E . -9.90 -2.28 3.50
C7 YEK E . -8.63 -2.51 4.25
N YEK E . -10.34 -3.00 5.69
C YEK E . -8.99 -0.87 6.14
O YEK E . -7.18 -3.87 5.97
C1 YEK E . -9.00 -2.35 5.73
C2 YEK E . -8.02 -3.09 6.65
C3 YEK E . -6.05 -4.40 6.70
O1 YEK E . -8.00 -2.95 7.84
O2 YEK E . -11.58 -1.75 7.43
O3 YEK E . -10.38 -3.84 8.01
S YEK E . -11.19 -3.09 7.10
#